data_1Y3Q
#
_entry.id   1Y3Q
#
_cell.length_a   49.236
_cell.length_b   59.154
_cell.length_c   165.294
_cell.angle_alpha   90.00
_cell.angle_beta   90.00
_cell.angle_gamma   90.00
#
_symmetry.space_group_name_H-M   'P 21 21 21'
#
loop_
_entity.id
_entity.type
_entity.pdbx_description
1 polymer AlgQ1
2 non-polymer 'CALCIUM ION'
3 water water
#
_entity_poly.entity_id   1
_entity_poly.type   'polypeptide(L)'
_entity_poly.pdbx_seq_one_letter_code
;REATWVTEKPLTLKIHMHFRDKWVWDENWPVAREVARLTNVKLVGVANRAATNSQEQFNLMMASGQLPDIVGGDNLKDKF
IRYGMEGAFIPLNKLIDQNAPNLKAFFKTHPEVQRAITAPDGNIYYLPYVPDGLVSRGYFIRQDWLDKLHLKTPQTVDEL
YTVLKAFKEKDPNGNGKADEIPFINRDPEEVFRLVNFWGARSTGSNTWMDFYVENGKIKHPFAEVAFKDGIKHVAQWYKE
GLIDPEIFTRKARSREQTFGNNIGGMTHDWFASTALFNDALSKNIPGFKLVPMAPPINSKGQRWEEDARQIPRPDGWAIT
ATNKNPVETIKLFDFYFGPKGRELSNFGVPGLTYDIKNGKPVYKDTVLKAAQPVNNQMYDIGAQIPIGFWQDYEYERQWT
NDVALQGIDMYIKNKYVLPQFTGVNLTVEEREIYDKYWPDVKTYMFEMGQSWVMGTKDPEKTWNDYQQQLKNRGFYQVMI
VMQKAYDRQY
;
_entity_poly.pdbx_strand_id   A
#
loop_
_chem_comp.id
_chem_comp.type
_chem_comp.name
_chem_comp.formula
CA non-polymer 'CALCIUM ION' 'Ca 2'
#
# COMPACT_ATOMS: atom_id res chain seq x y z
N ARG A 1 24.76 26.65 -16.05
CA ARG A 1 25.80 26.17 -15.10
C ARG A 1 25.32 26.26 -13.65
N GLU A 2 24.92 25.12 -13.10
CA GLU A 2 24.44 25.02 -11.72
C GLU A 2 25.41 24.17 -10.90
N ALA A 3 25.48 24.45 -9.61
CA ALA A 3 26.35 23.70 -8.71
C ALA A 3 25.89 22.24 -8.67
N THR A 4 24.62 22.04 -9.01
CA THR A 4 24.04 20.71 -9.00
C THR A 4 24.21 19.89 -10.30
N TRP A 5 24.74 20.52 -11.34
CA TRP A 5 24.96 19.85 -12.62
C TRP A 5 25.75 18.56 -12.40
N VAL A 6 25.33 17.48 -13.06
CA VAL A 6 26.02 16.18 -12.93
C VAL A 6 26.99 15.99 -14.09
N THR A 7 26.99 16.95 -15.01
CA THR A 7 27.87 16.94 -16.17
C THR A 7 27.91 18.34 -16.77
N GLU A 8 29.03 18.70 -17.38
CA GLU A 8 29.17 20.02 -17.98
C GLU A 8 28.53 20.08 -19.36
N LYS A 9 28.60 18.95 -20.06
CA LYS A 9 28.03 18.85 -21.40
C LYS A 9 26.58 18.36 -21.26
N PRO A 10 25.60 19.18 -21.71
CA PRO A 10 24.18 18.83 -21.64
C PRO A 10 23.89 17.45 -22.23
N LEU A 11 23.13 16.65 -21.49
CA LEU A 11 22.81 15.29 -21.92
C LEU A 11 21.30 15.06 -22.09
N THR A 12 20.94 14.32 -23.14
CA THR A 12 19.54 14.01 -23.39
C THR A 12 19.46 12.48 -23.42
N LEU A 13 18.50 11.89 -22.70
CA LEU A 13 18.32 10.44 -22.65
C LEU A 13 16.86 10.07 -22.94
N LYS A 14 16.64 8.87 -23.49
CA LYS A 14 15.28 8.43 -23.78
C LYS A 14 14.72 7.59 -22.63
N ILE A 15 13.52 7.93 -22.15
CA ILE A 15 12.91 7.15 -21.08
C ILE A 15 11.57 6.56 -21.49
N HIS A 16 11.34 5.28 -21.15
CA HIS A 16 10.07 4.63 -21.45
C HIS A 16 9.38 4.48 -20.12
N MET A 17 8.40 5.33 -19.85
CA MET A 17 7.70 5.22 -18.60
C MET A 17 6.21 5.31 -18.82
N HIS A 18 5.51 4.25 -18.47
CA HIS A 18 4.06 4.17 -18.58
C HIS A 18 3.58 3.73 -17.22
N PHE A 19 2.55 4.39 -16.68
CA PHE A 19 2.08 4.00 -15.36
C PHE A 19 0.61 4.26 -15.10
N ARG A 20 0.05 3.49 -14.15
CA ARG A 20 -1.36 3.59 -13.77
C ARG A 20 -2.27 3.38 -14.98
N ASP A 21 -1.79 2.62 -15.96
CA ASP A 21 -2.53 2.36 -17.20
C ASP A 21 -3.02 3.60 -17.93
N LYS A 22 -2.41 4.75 -17.67
CA LYS A 22 -2.84 5.99 -18.31
C LYS A 22 -1.81 7.09 -18.55
N TRP A 23 -0.79 7.17 -17.71
CA TRP A 23 0.20 8.26 -17.85
C TRP A 23 1.57 7.82 -18.36
N VAL A 24 2.28 8.78 -18.91
CA VAL A 24 3.64 8.57 -19.42
C VAL A 24 4.51 9.75 -19.02
N TRP A 25 5.82 9.58 -19.15
CA TRP A 25 6.75 10.65 -18.85
C TRP A 25 6.57 11.75 -19.91
N ASP A 26 6.46 12.99 -19.45
CA ASP A 26 6.28 14.14 -20.34
C ASP A 26 7.45 15.13 -20.11
N GLU A 27 8.34 15.26 -21.10
CA GLU A 27 9.47 16.17 -20.98
C GLU A 27 9.00 17.63 -20.82
N ASN A 28 7.72 17.87 -21.06
CA ASN A 28 7.19 19.23 -20.92
C ASN A 28 6.69 19.57 -19.51
N TRP A 29 6.71 18.58 -18.61
CA TRP A 29 6.28 18.78 -17.22
C TRP A 29 7.15 19.82 -16.52
N PRO A 30 6.54 20.71 -15.72
CA PRO A 30 7.34 21.70 -15.01
C PRO A 30 8.42 21.04 -14.12
N VAL A 31 8.07 19.91 -13.49
CA VAL A 31 9.06 19.24 -12.64
C VAL A 31 10.21 18.67 -13.46
N ALA A 32 9.89 18.09 -14.61
CA ALA A 32 10.90 17.51 -15.48
C ALA A 32 11.88 18.60 -15.95
N ARG A 33 11.35 19.76 -16.34
CA ARG A 33 12.20 20.86 -16.80
C ARG A 33 13.07 21.40 -15.67
N GLU A 34 12.56 21.39 -14.44
CA GLU A 34 13.32 21.89 -13.30
C GLU A 34 14.48 20.95 -13.03
N VAL A 35 14.19 19.66 -12.96
CA VAL A 35 15.25 18.69 -12.72
C VAL A 35 16.28 18.78 -13.85
N ALA A 36 15.80 18.83 -15.10
CA ALA A 36 16.69 18.92 -16.25
C ALA A 36 17.70 20.04 -16.15
N ARG A 37 17.25 21.25 -15.82
CA ARG A 37 18.18 22.38 -15.73
C ARG A 37 19.07 22.32 -14.48
N LEU A 38 18.58 21.72 -13.40
CA LEU A 38 19.40 21.64 -12.19
C LEU A 38 20.47 20.56 -12.31
N THR A 39 20.20 19.54 -13.10
CA THR A 39 21.17 18.45 -13.25
C THR A 39 21.92 18.49 -14.59
N ASN A 40 21.34 19.14 -15.58
CA ASN A 40 21.91 19.24 -16.92
C ASN A 40 21.61 17.96 -17.71
N VAL A 41 20.64 17.17 -17.22
CA VAL A 41 20.23 15.93 -17.92
C VAL A 41 18.74 16.02 -18.24
N LYS A 42 18.38 15.95 -19.53
CA LYS A 42 16.98 16.02 -19.95
C LYS A 42 16.50 14.64 -20.38
N LEU A 43 15.28 14.28 -19.99
CA LEU A 43 14.72 12.98 -20.37
C LEU A 43 13.60 13.16 -21.38
N VAL A 44 13.68 12.39 -22.46
CA VAL A 44 12.66 12.47 -23.50
C VAL A 44 11.79 11.22 -23.43
N GLY A 45 10.48 11.41 -23.34
CA GLY A 45 9.58 10.27 -23.25
C GLY A 45 9.25 9.58 -24.55
N VAL A 46 9.34 8.24 -24.56
CA VAL A 46 9.04 7.46 -25.75
C VAL A 46 7.89 6.46 -25.57
N ALA A 47 7.14 6.60 -24.47
CA ALA A 47 6.01 5.72 -24.18
C ALA A 47 4.74 6.12 -24.94
N ASN A 48 3.79 5.18 -25.03
CA ASN A 48 2.53 5.38 -25.75
C ASN A 48 1.35 5.80 -24.85
N ARG A 49 0.86 7.02 -25.05
CA ARG A 49 -0.24 7.57 -24.28
C ARG A 49 -1.59 6.90 -24.55
N ALA A 50 -1.73 6.29 -25.73
CA ALA A 50 -2.99 5.63 -26.09
C ALA A 50 -3.17 4.27 -25.39
N ALA A 51 -2.08 3.74 -24.85
CA ALA A 51 -2.11 2.44 -24.17
C ALA A 51 -3.16 2.31 -23.08
N THR A 52 -3.74 1.13 -22.99
CA THR A 52 -4.75 0.84 -21.98
C THR A 52 -4.13 0.05 -20.82
N ASN A 53 -2.96 -0.54 -21.08
CA ASN A 53 -2.30 -1.35 -20.05
C ASN A 53 -0.78 -1.13 -19.97
N SER A 54 -0.33 -0.64 -18.83
CA SER A 54 1.09 -0.37 -18.61
C SER A 54 2.00 -1.57 -18.75
N GLN A 55 1.61 -2.71 -18.19
CA GLN A 55 2.43 -3.92 -18.28
C GLN A 55 2.63 -4.35 -19.73
N GLU A 56 1.57 -4.31 -20.53
CA GLU A 56 1.64 -4.68 -21.94
C GLU A 56 2.63 -3.79 -22.69
N GLN A 57 2.63 -2.50 -22.36
CA GLN A 57 3.56 -1.56 -22.99
C GLN A 57 5.00 -1.90 -22.67
N PHE A 58 5.27 -2.30 -21.44
CA PHE A 58 6.62 -2.70 -21.05
C PHE A 58 7.02 -3.94 -21.87
N ASN A 59 6.08 -4.87 -22.01
CA ASN A 59 6.35 -6.10 -22.75
C ASN A 59 6.71 -5.83 -24.20
N LEU A 60 5.91 -4.99 -24.87
CA LEU A 60 6.17 -4.64 -26.27
C LEU A 60 7.55 -4.02 -26.42
N MET A 61 7.93 -3.14 -25.49
CA MET A 61 9.23 -2.50 -25.55
C MET A 61 10.34 -3.54 -25.44
N MET A 62 10.23 -4.38 -24.42
CA MET A 62 11.23 -5.41 -24.19
C MET A 62 11.35 -6.36 -25.37
N ALA A 63 10.23 -6.67 -26.00
CA ALA A 63 10.21 -7.59 -27.14
C ALA A 63 10.64 -6.95 -28.46
N SER A 64 10.44 -5.65 -28.59
CA SER A 64 10.79 -4.93 -29.81
C SER A 64 12.22 -5.19 -30.26
N GLY A 65 13.11 -5.48 -29.32
CA GLY A 65 14.50 -5.73 -29.67
C GLY A 65 15.38 -4.51 -29.44
N GLN A 66 14.75 -3.36 -29.24
CA GLN A 66 15.46 -2.12 -29.00
C GLN A 66 15.07 -1.64 -27.59
N LEU A 67 15.97 -0.88 -26.96
CA LEU A 67 15.72 -0.37 -25.62
C LEU A 67 16.12 1.09 -25.42
N PRO A 68 15.32 1.84 -24.64
CA PRO A 68 15.60 3.25 -24.35
C PRO A 68 16.72 3.29 -23.30
N ASP A 69 17.05 4.47 -22.79
CA ASP A 69 18.12 4.61 -21.80
C ASP A 69 17.69 4.31 -20.36
N ILE A 70 16.43 4.58 -20.07
CA ILE A 70 15.87 4.35 -18.73
C ILE A 70 14.48 3.77 -18.90
N VAL A 71 14.07 2.93 -17.97
CA VAL A 71 12.73 2.38 -18.01
C VAL A 71 12.14 2.56 -16.63
N GLY A 72 10.90 3.05 -16.58
CA GLY A 72 10.28 3.25 -15.29
C GLY A 72 8.80 2.92 -15.31
N GLY A 73 8.21 2.83 -14.13
CA GLY A 73 6.80 2.53 -14.07
C GLY A 73 6.39 1.80 -12.82
N ASP A 74 5.10 1.52 -12.69
CA ASP A 74 4.60 0.81 -11.52
C ASP A 74 4.56 -0.70 -11.76
N ASN A 75 4.66 -1.46 -10.68
CA ASN A 75 4.60 -2.91 -10.73
C ASN A 75 5.61 -3.55 -11.66
N LEU A 76 6.82 -3.00 -11.68
CA LEU A 76 7.87 -3.52 -12.53
C LEU A 76 9.00 -4.21 -11.79
N LYS A 77 8.95 -4.25 -10.46
CA LYS A 77 10.02 -4.87 -9.68
C LYS A 77 10.43 -6.25 -10.19
N ASP A 78 9.45 -7.12 -10.37
CA ASP A 78 9.76 -8.49 -10.82
C ASP A 78 10.33 -8.56 -12.21
N LYS A 79 9.96 -7.60 -13.06
CA LYS A 79 10.48 -7.56 -14.41
C LYS A 79 11.86 -6.94 -14.44
N PHE A 80 12.10 -5.96 -13.56
CA PHE A 80 13.41 -5.32 -13.47
C PHE A 80 14.45 -6.36 -13.07
N ILE A 81 14.07 -7.24 -12.15
CA ILE A 81 15.01 -8.25 -11.68
C ILE A 81 15.19 -9.38 -12.70
N ARG A 82 14.10 -9.87 -13.27
CA ARG A 82 14.19 -10.94 -14.26
C ARG A 82 15.07 -10.47 -15.44
N TYR A 83 14.74 -9.32 -16.01
CA TYR A 83 15.52 -8.80 -17.14
C TYR A 83 16.88 -8.27 -16.71
N GLY A 84 17.02 -7.97 -15.42
CA GLY A 84 18.30 -7.49 -14.93
C GLY A 84 19.28 -8.66 -14.90
N MET A 85 18.78 -9.81 -14.51
CA MET A 85 19.62 -10.99 -14.46
C MET A 85 19.91 -11.55 -15.85
N GLU A 86 19.24 -11.01 -16.86
CA GLU A 86 19.50 -11.41 -18.25
C GLU A 86 20.30 -10.31 -18.96
N GLY A 87 20.74 -9.32 -18.21
CA GLY A 87 21.55 -8.24 -18.79
C GLY A 87 20.85 -7.03 -19.41
N ALA A 88 19.52 -7.04 -19.48
CA ALA A 88 18.77 -5.91 -20.05
C ALA A 88 18.92 -4.62 -19.22
N PHE A 89 18.97 -4.77 -17.90
CA PHE A 89 19.14 -3.64 -16.99
C PHE A 89 20.45 -3.88 -16.26
N ILE A 90 21.21 -2.82 -16.05
CA ILE A 90 22.50 -2.95 -15.38
C ILE A 90 22.35 -2.93 -13.86
N PRO A 91 23.31 -3.56 -13.14
CA PRO A 91 23.31 -3.61 -11.68
C PRO A 91 23.78 -2.24 -11.21
N LEU A 92 23.18 -1.73 -10.14
CA LEU A 92 23.51 -0.40 -9.64
C LEU A 92 24.44 -0.33 -8.43
N ASN A 93 24.74 -1.48 -7.85
CA ASN A 93 25.58 -1.53 -6.65
C ASN A 93 26.83 -0.63 -6.68
N LYS A 94 27.74 -0.89 -7.60
CA LYS A 94 28.98 -0.13 -7.68
C LYS A 94 28.79 1.35 -8.05
N LEU A 95 27.89 1.61 -9.01
CA LEU A 95 27.60 2.97 -9.45
C LEU A 95 27.19 3.84 -8.28
N ILE A 96 26.33 3.29 -7.43
CA ILE A 96 25.84 4.01 -6.27
C ILE A 96 26.98 4.26 -5.29
N ASP A 97 27.69 3.19 -4.95
CA ASP A 97 28.81 3.28 -4.02
C ASP A 97 29.85 4.33 -4.42
N GLN A 98 30.05 4.52 -5.72
CA GLN A 98 31.04 5.47 -6.18
C GLN A 98 30.53 6.85 -6.61
N ASN A 99 29.31 6.94 -7.11
CA ASN A 99 28.79 8.23 -7.59
C ASN A 99 27.53 8.82 -6.96
N ALA A 100 26.87 8.09 -6.07
CA ALA A 100 25.62 8.59 -5.47
C ALA A 100 25.63 8.81 -3.96
N PRO A 101 26.23 9.91 -3.48
CA PRO A 101 26.24 10.14 -2.02
C PRO A 101 24.88 10.12 -1.34
N ASN A 102 23.89 10.74 -1.98
CA ASN A 102 22.54 10.79 -1.42
C ASN A 102 21.92 9.41 -1.23
N LEU A 103 22.12 8.52 -2.21
CA LEU A 103 21.57 7.18 -2.12
C LEU A 103 22.28 6.30 -1.09
N LYS A 104 23.59 6.37 -1.00
CA LYS A 104 24.24 5.53 -0.01
C LYS A 104 23.89 6.00 1.39
N ALA A 105 23.67 7.31 1.56
CA ALA A 105 23.29 7.82 2.87
C ALA A 105 21.89 7.29 3.18
N PHE A 106 20.99 7.42 2.21
CA PHE A 106 19.62 6.93 2.35
C PHE A 106 19.59 5.45 2.72
N PHE A 107 20.34 4.64 1.97
CA PHE A 107 20.37 3.20 2.23
C PHE A 107 20.94 2.83 3.58
N LYS A 108 21.86 3.64 4.10
CA LYS A 108 22.41 3.36 5.42
C LYS A 108 21.31 3.50 6.45
N THR A 109 20.50 4.55 6.34
CA THR A 109 19.41 4.76 7.29
C THR A 109 18.20 3.88 6.99
N HIS A 110 18.13 3.33 5.78
CA HIS A 110 17.01 2.46 5.39
C HIS A 110 17.53 1.14 4.83
N PRO A 111 18.24 0.35 5.65
CA PRO A 111 18.77 -0.94 5.19
C PRO A 111 17.70 -1.94 4.73
N GLU A 112 16.48 -1.81 5.25
CA GLU A 112 15.40 -2.71 4.88
C GLU A 112 14.90 -2.45 3.46
N VAL A 113 14.98 -1.21 3.00
CA VAL A 113 14.54 -0.86 1.66
C VAL A 113 15.51 -1.47 0.65
N GLN A 114 16.79 -1.42 0.96
CA GLN A 114 17.80 -1.99 0.08
C GLN A 114 17.62 -3.51 0.01
N ARG A 115 17.34 -4.11 1.16
CA ARG A 115 17.16 -5.55 1.21
C ARG A 115 15.95 -5.98 0.39
N ALA A 116 14.92 -5.16 0.38
CA ALA A 116 13.70 -5.49 -0.36
C ALA A 116 13.85 -5.41 -1.88
N ILE A 117 14.80 -4.62 -2.35
CA ILE A 117 14.96 -4.47 -3.80
C ILE A 117 16.07 -5.33 -4.36
N THR A 118 16.71 -6.09 -3.49
CA THR A 118 17.81 -6.94 -3.92
C THR A 118 17.38 -8.24 -4.59
N ALA A 119 17.99 -8.49 -5.76
CA ALA A 119 17.71 -9.68 -6.56
C ALA A 119 18.37 -10.93 -5.98
N PRO A 120 17.98 -12.12 -6.47
CA PRO A 120 18.56 -13.38 -5.99
C PRO A 120 20.09 -13.46 -6.12
N ASP A 121 20.69 -12.56 -6.90
CA ASP A 121 22.15 -12.58 -7.08
C ASP A 121 22.88 -11.47 -6.32
N GLY A 122 22.15 -10.72 -5.50
CA GLY A 122 22.75 -9.64 -4.74
C GLY A 122 22.80 -8.29 -5.44
N ASN A 123 22.39 -8.24 -6.70
CA ASN A 123 22.41 -6.97 -7.44
C ASN A 123 21.15 -6.15 -7.27
N ILE A 124 21.32 -4.82 -7.34
CA ILE A 124 20.23 -3.87 -7.28
C ILE A 124 20.05 -3.48 -8.75
N TYR A 125 18.88 -3.79 -9.31
CA TYR A 125 18.60 -3.48 -10.72
C TYR A 125 17.68 -2.28 -10.95
N TYR A 126 17.25 -1.65 -9.88
CA TYR A 126 16.38 -0.46 -10.02
C TYR A 126 16.32 0.29 -8.72
N LEU A 127 15.84 1.52 -8.78
CA LEU A 127 15.67 2.33 -7.57
C LEU A 127 14.16 2.39 -7.38
N PRO A 128 13.69 2.18 -6.15
CA PRO A 128 12.26 2.20 -5.90
C PRO A 128 11.61 3.50 -5.49
N TYR A 129 10.28 3.48 -5.60
CA TYR A 129 9.40 4.54 -5.18
C TYR A 129 9.28 4.18 -3.68
N VAL A 130 9.69 5.09 -2.82
CA VAL A 130 9.64 4.84 -1.39
C VAL A 130 8.60 5.71 -0.69
N PRO A 131 7.41 5.15 -0.44
CA PRO A 131 6.40 5.97 0.23
C PRO A 131 6.82 6.35 1.65
N ASP A 132 6.15 7.35 2.21
CA ASP A 132 6.46 7.82 3.54
C ASP A 132 5.18 7.70 4.37
N GLY A 133 5.32 7.29 5.62
CA GLY A 133 4.18 7.12 6.49
C GLY A 133 3.66 5.69 6.39
N LEU A 134 3.84 4.89 7.44
CA LEU A 134 3.37 3.51 7.42
C LEU A 134 1.87 3.38 7.66
N VAL A 135 1.30 4.25 8.50
CA VAL A 135 -0.13 4.16 8.78
C VAL A 135 -1.00 4.25 7.51
N SER A 136 -1.89 3.28 7.35
CA SER A 136 -2.80 3.23 6.21
C SER A 136 -4.22 3.22 6.74
N ARG A 137 -4.66 2.06 7.23
CA ARG A 137 -6.01 1.90 7.78
C ARG A 137 -6.05 1.94 9.31
N GLY A 138 -7.24 2.15 9.85
CA GLY A 138 -7.45 2.15 11.28
C GLY A 138 -8.92 1.90 11.55
N TYR A 139 -9.27 1.56 12.79
CA TYR A 139 -10.65 1.35 13.13
C TYR A 139 -11.36 2.68 13.33
N PHE A 140 -12.61 2.76 12.89
CA PHE A 140 -13.44 3.96 13.08
C PHE A 140 -14.74 3.50 13.73
N ILE A 141 -15.26 4.27 14.68
CA ILE A 141 -16.51 3.88 15.35
C ILE A 141 -17.46 5.10 15.43
N ARG A 142 -18.77 4.85 15.51
CA ARG A 142 -19.75 5.94 15.61
C ARG A 142 -19.75 6.47 17.05
N GLN A 143 -19.03 7.55 17.26
CA GLN A 143 -18.94 8.12 18.59
C GLN A 143 -20.30 8.64 19.08
N ASP A 144 -21.10 9.16 18.15
CA ASP A 144 -22.40 9.67 18.55
C ASP A 144 -23.30 8.54 19.06
N TRP A 145 -23.06 7.30 18.59
CA TRP A 145 -23.85 6.17 19.05
C TRP A 145 -23.34 5.73 20.42
N LEU A 146 -22.03 5.75 20.61
CA LEU A 146 -21.48 5.41 21.92
C LEU A 146 -22.08 6.36 22.96
N ASP A 147 -22.16 7.64 22.59
CA ASP A 147 -22.70 8.68 23.49
C ASP A 147 -24.21 8.50 23.77
N LYS A 148 -25.01 8.34 22.71
CA LYS A 148 -26.46 8.13 22.86
C LYS A 148 -26.77 6.97 23.82
N LEU A 149 -26.02 5.88 23.65
CA LEU A 149 -26.21 4.68 24.44
C LEU A 149 -25.45 4.66 25.76
N HIS A 150 -24.74 5.74 26.06
CA HIS A 150 -23.96 5.85 27.30
C HIS A 150 -22.93 4.74 27.45
N LEU A 151 -22.23 4.42 26.38
CA LEU A 151 -21.22 3.37 26.42
C LEU A 151 -19.81 3.98 26.37
N LYS A 152 -18.86 3.33 27.04
CA LYS A 152 -17.47 3.78 27.02
C LYS A 152 -16.80 3.21 25.77
N THR A 153 -15.67 3.80 25.35
CA THR A 153 -14.95 3.31 24.17
C THR A 153 -14.47 1.89 24.53
N PRO A 154 -14.77 0.90 23.70
CA PRO A 154 -14.35 -0.48 24.01
C PRO A 154 -12.83 -0.62 23.97
N GLN A 155 -12.25 -1.24 25.01
CA GLN A 155 -10.80 -1.43 25.11
C GLN A 155 -10.33 -2.86 24.81
N THR A 156 -11.25 -3.81 24.81
CA THR A 156 -10.90 -5.20 24.56
C THR A 156 -11.92 -5.78 23.59
N VAL A 157 -11.62 -6.95 23.03
CA VAL A 157 -12.50 -7.61 22.08
C VAL A 157 -13.86 -7.91 22.65
N ASP A 158 -13.92 -8.41 23.88
CA ASP A 158 -15.23 -8.70 24.47
C ASP A 158 -15.98 -7.41 24.75
N GLU A 159 -15.27 -6.34 25.12
CA GLU A 159 -15.99 -5.07 25.35
C GLU A 159 -16.54 -4.58 24.00
N LEU A 160 -15.79 -4.83 22.93
CA LEU A 160 -16.23 -4.41 21.60
C LEU A 160 -17.48 -5.19 21.19
N TYR A 161 -17.49 -6.46 21.56
CA TYR A 161 -18.63 -7.33 21.26
C TYR A 161 -19.85 -6.73 21.93
N THR A 162 -19.69 -6.34 23.19
CA THR A 162 -20.80 -5.75 23.93
C THR A 162 -21.30 -4.48 23.25
N VAL A 163 -20.37 -3.64 22.79
CA VAL A 163 -20.72 -2.40 22.12
C VAL A 163 -21.46 -2.66 20.80
N LEU A 164 -20.93 -3.56 19.98
CA LEU A 164 -21.57 -3.85 18.72
C LEU A 164 -22.96 -4.45 18.95
N LYS A 165 -23.13 -5.21 20.03
CA LYS A 165 -24.45 -5.78 20.28
C LYS A 165 -25.41 -4.68 20.67
N ALA A 166 -24.92 -3.67 21.38
CA ALA A 166 -25.77 -2.55 21.79
C ALA A 166 -26.19 -1.77 20.56
N PHE A 167 -25.25 -1.60 19.63
CA PHE A 167 -25.55 -0.90 18.38
C PHE A 167 -26.65 -1.67 17.66
N LYS A 168 -26.54 -3.00 17.70
CA LYS A 168 -27.51 -3.87 17.03
C LYS A 168 -28.91 -3.83 17.64
N GLU A 169 -28.96 -3.84 18.97
CA GLU A 169 -30.22 -3.92 19.70
C GLU A 169 -30.82 -2.68 20.37
N LYS A 170 -30.01 -1.68 20.69
CA LYS A 170 -30.52 -0.51 21.40
C LYS A 170 -30.97 0.72 20.62
N ASP A 171 -31.20 0.54 19.32
CA ASP A 171 -31.70 1.59 18.44
C ASP A 171 -31.00 2.94 18.52
N PRO A 172 -29.67 2.96 18.29
CA PRO A 172 -28.95 4.24 18.37
C PRO A 172 -29.42 5.29 17.37
N ASN A 173 -29.87 4.89 16.19
CA ASN A 173 -30.33 5.87 15.23
C ASN A 173 -31.76 6.35 15.51
N GLY A 174 -32.30 5.89 16.63
CA GLY A 174 -33.62 6.30 17.09
C GLY A 174 -34.85 6.25 16.19
N ASN A 175 -34.95 5.28 15.28
CA ASN A 175 -36.14 5.19 14.44
C ASN A 175 -37.02 4.05 14.89
N GLY A 176 -36.76 3.54 16.10
CA GLY A 176 -37.58 2.47 16.65
C GLY A 176 -37.50 1.09 16.02
N LYS A 177 -36.63 0.91 15.03
CA LYS A 177 -36.48 -0.39 14.37
C LYS A 177 -35.05 -0.89 14.54
N ALA A 178 -34.84 -2.19 14.45
CA ALA A 178 -33.48 -2.73 14.56
C ALA A 178 -32.93 -2.85 13.14
N ASP A 179 -32.52 -1.71 12.58
CA ASP A 179 -31.97 -1.64 11.23
C ASP A 179 -30.45 -1.45 11.23
N GLU A 180 -29.89 -1.17 12.40
CA GLU A 180 -28.45 -0.96 12.51
C GLU A 180 -27.56 -2.17 12.12
N ILE A 181 -26.46 -1.87 11.42
CA ILE A 181 -25.46 -2.88 11.03
C ILE A 181 -24.17 -2.40 11.72
N PRO A 182 -23.78 -3.04 12.83
CA PRO A 182 -22.58 -2.65 13.58
C PRO A 182 -21.27 -2.49 12.81
N PHE A 183 -20.85 -3.52 12.09
CA PHE A 183 -19.60 -3.45 11.36
C PHE A 183 -19.78 -3.60 9.87
N ILE A 184 -19.25 -2.64 9.12
CA ILE A 184 -19.35 -2.64 7.66
C ILE A 184 -17.97 -2.41 7.05
N ASN A 185 -17.81 -2.76 5.78
CA ASN A 185 -16.53 -2.53 5.11
C ASN A 185 -16.67 -2.63 3.61
N ARG A 186 -16.01 -1.72 2.90
CA ARG A 186 -16.11 -1.78 1.45
C ARG A 186 -15.25 -2.91 0.91
N ASP A 187 -14.38 -3.49 1.74
CA ASP A 187 -13.51 -4.58 1.29
C ASP A 187 -13.93 -5.88 1.98
N PRO A 188 -14.42 -6.87 1.21
CA PRO A 188 -14.83 -8.14 1.83
C PRO A 188 -13.70 -8.77 2.66
N GLU A 189 -12.47 -8.66 2.17
CA GLU A 189 -11.30 -9.21 2.84
C GLU A 189 -11.09 -8.68 4.26
N GLU A 190 -11.72 -7.55 4.58
CA GLU A 190 -11.56 -7.00 5.92
C GLU A 190 -12.32 -7.86 6.93
N VAL A 191 -13.27 -8.65 6.46
CA VAL A 191 -13.98 -9.50 7.41
C VAL A 191 -12.97 -10.55 7.92
N PHE A 192 -12.02 -10.93 7.06
CA PHE A 192 -11.00 -11.91 7.47
C PHE A 192 -10.06 -11.29 8.50
N ARG A 193 -9.82 -9.99 8.34
CA ARG A 193 -8.94 -9.25 9.25
C ARG A 193 -9.45 -9.30 10.70
N LEU A 194 -10.75 -9.50 10.88
CA LEU A 194 -11.30 -9.57 12.23
C LEU A 194 -10.74 -10.73 13.05
N VAL A 195 -10.04 -11.68 12.41
CA VAL A 195 -9.48 -12.78 13.19
C VAL A 195 -8.34 -12.23 14.05
N ASN A 196 -7.87 -11.03 13.71
CA ASN A 196 -6.83 -10.38 14.50
C ASN A 196 -7.31 -10.22 15.93
N PHE A 197 -8.62 -10.06 16.13
CA PHE A 197 -9.18 -9.90 17.47
C PHE A 197 -8.97 -11.14 18.34
N TRP A 198 -8.62 -12.25 17.71
CA TRP A 198 -8.36 -13.49 18.45
C TRP A 198 -6.93 -13.97 18.24
N GLY A 199 -6.04 -13.02 18.00
CA GLY A 199 -4.63 -13.33 17.85
C GLY A 199 -4.17 -14.07 16.60
N ALA A 200 -5.03 -14.14 15.61
CA ALA A 200 -4.65 -14.78 14.35
C ALA A 200 -4.37 -13.70 13.32
N ARG A 201 -3.46 -13.97 12.39
CA ARG A 201 -3.13 -13.01 11.34
C ARG A 201 -4.06 -13.28 10.13
N SER A 202 -4.24 -12.28 9.26
CA SER A 202 -5.06 -12.47 8.06
C SER A 202 -4.21 -12.22 6.81
N THR A 203 -3.13 -11.44 7.00
CA THR A 203 -2.19 -11.12 5.93
C THR A 203 -0.92 -10.46 6.46
N GLY A 204 0.19 -10.72 5.78
CA GLY A 204 1.48 -10.16 6.18
C GLY A 204 1.75 -8.75 5.70
N SER A 205 0.98 -8.25 4.73
CA SER A 205 1.21 -6.88 4.23
C SER A 205 -0.08 -6.30 3.66
N ASN A 206 0.02 -5.16 2.99
CA ASN A 206 -1.16 -4.52 2.42
C ASN A 206 -1.78 -5.36 1.29
N THR A 207 -1.00 -6.28 0.74
CA THR A 207 -1.51 -7.16 -0.30
C THR A 207 -2.43 -8.19 0.38
N TRP A 208 -3.64 -8.37 -0.12
CA TRP A 208 -4.59 -9.32 0.46
C TRP A 208 -4.00 -10.74 0.51
N MET A 209 -4.30 -11.44 1.60
CA MET A 209 -3.86 -12.80 1.83
C MET A 209 -2.40 -13.07 1.49
N ASP A 210 -1.52 -12.24 2.05
CA ASP A 210 -0.09 -12.37 1.83
C ASP A 210 0.55 -13.15 3.00
N PHE A 211 1.75 -13.71 2.77
CA PHE A 211 2.45 -14.47 3.81
C PHE A 211 2.98 -13.47 4.84
N TYR A 212 3.44 -13.98 5.99
CA TYR A 212 4.05 -13.14 7.01
C TYR A 212 5.19 -13.95 7.59
N VAL A 213 6.06 -13.29 8.36
CA VAL A 213 7.19 -13.98 8.96
C VAL A 213 7.11 -13.99 10.48
N GLU A 214 7.47 -15.11 11.07
CA GLU A 214 7.46 -15.24 12.50
C GLU A 214 8.76 -15.95 12.89
N ASN A 215 9.64 -15.23 13.56
CA ASN A 215 10.91 -15.80 13.97
C ASN A 215 11.61 -16.42 12.76
N GLY A 216 11.82 -15.61 11.72
CA GLY A 216 12.49 -16.06 10.53
C GLY A 216 11.82 -17.15 9.70
N LYS A 217 10.63 -17.56 10.11
CA LYS A 217 9.90 -18.60 9.38
C LYS A 217 8.68 -18.04 8.64
N ILE A 218 8.57 -18.39 7.35
CA ILE A 218 7.45 -17.95 6.52
C ILE A 218 6.19 -18.75 6.81
N LYS A 219 5.06 -18.06 6.96
CA LYS A 219 3.79 -18.74 7.23
C LYS A 219 2.65 -18.04 6.47
N HIS A 220 1.60 -18.77 6.15
CA HIS A 220 0.47 -18.15 5.50
C HIS A 220 -0.68 -18.17 6.47
N PRO A 221 -1.27 -17.00 6.74
CA PRO A 221 -2.40 -16.84 7.67
C PRO A 221 -3.51 -17.86 7.53
N PHE A 222 -3.93 -18.13 6.29
CA PHE A 222 -5.04 -19.05 6.07
C PHE A 222 -4.78 -20.54 6.29
N ALA A 223 -3.52 -20.91 6.49
CA ALA A 223 -3.19 -22.31 6.68
C ALA A 223 -2.94 -22.63 8.17
N GLU A 224 -2.85 -21.59 8.97
CA GLU A 224 -2.58 -21.74 10.40
C GLU A 224 -3.79 -22.19 11.22
N VAL A 225 -3.52 -23.02 12.22
CA VAL A 225 -4.58 -23.50 13.11
C VAL A 225 -5.23 -22.31 13.83
N ALA A 226 -4.46 -21.27 14.08
CA ALA A 226 -4.95 -20.07 14.75
C ALA A 226 -6.04 -19.42 13.91
N PHE A 227 -5.94 -19.53 12.59
CA PHE A 227 -6.94 -18.97 11.69
C PHE A 227 -8.24 -19.77 11.85
N LYS A 228 -8.12 -21.08 11.99
CA LYS A 228 -9.28 -21.94 12.16
C LYS A 228 -10.07 -21.51 13.41
N ASP A 229 -9.37 -21.37 14.53
CA ASP A 229 -10.03 -20.98 15.76
C ASP A 229 -10.61 -19.56 15.64
N GLY A 230 -9.81 -18.67 15.04
CA GLY A 230 -10.26 -17.31 14.88
C GLY A 230 -11.44 -17.10 13.95
N ILE A 231 -11.51 -17.86 12.87
CA ILE A 231 -12.61 -17.67 11.92
C ILE A 231 -13.93 -18.17 12.52
N LYS A 232 -13.83 -19.00 13.55
CA LYS A 232 -15.05 -19.48 14.22
C LYS A 232 -15.68 -18.30 14.95
N HIS A 233 -14.85 -17.45 15.52
CA HIS A 233 -15.35 -16.30 16.25
C HIS A 233 -15.96 -15.32 15.27
N VAL A 234 -15.27 -15.08 14.16
CA VAL A 234 -15.81 -14.17 13.14
C VAL A 234 -17.16 -14.73 12.64
N ALA A 235 -17.21 -16.04 12.42
CA ALA A 235 -18.46 -16.67 11.97
C ALA A 235 -19.58 -16.45 13.00
N GLN A 236 -19.24 -16.54 14.28
CA GLN A 236 -20.22 -16.33 15.33
C GLN A 236 -20.78 -14.90 15.26
N TRP A 237 -19.90 -13.92 15.10
CA TRP A 237 -20.33 -12.53 15.01
C TRP A 237 -21.22 -12.31 13.78
N TYR A 238 -20.89 -12.97 12.68
CA TYR A 238 -21.67 -12.85 11.44
C TYR A 238 -23.08 -13.42 11.66
N LYS A 239 -23.13 -14.54 12.36
CA LYS A 239 -24.39 -15.22 12.66
C LYS A 239 -25.25 -14.31 13.55
N GLU A 240 -24.61 -13.58 14.47
CA GLU A 240 -25.36 -12.70 15.35
C GLU A 240 -25.77 -11.37 14.73
N GLY A 241 -25.38 -11.13 13.47
CA GLY A 241 -25.75 -9.89 12.81
C GLY A 241 -24.84 -8.72 13.10
N LEU A 242 -23.75 -8.97 13.81
CA LEU A 242 -22.81 -7.89 14.14
C LEU A 242 -22.00 -7.43 12.92
N ILE A 243 -21.87 -8.30 11.92
CA ILE A 243 -21.15 -7.96 10.70
C ILE A 243 -22.18 -7.87 9.57
N ASP A 244 -22.02 -6.86 8.71
CA ASP A 244 -22.91 -6.63 7.56
C ASP A 244 -23.23 -7.98 6.88
N PRO A 245 -24.52 -8.34 6.77
CA PRO A 245 -24.78 -9.62 6.11
C PRO A 245 -24.35 -9.62 4.65
N GLU A 246 -24.26 -8.43 4.06
CA GLU A 246 -23.83 -8.32 2.67
C GLU A 246 -22.33 -7.98 2.57
N ILE A 247 -21.58 -8.26 3.63
CA ILE A 247 -20.14 -7.91 3.62
C ILE A 247 -19.35 -8.42 2.40
N PHE A 248 -19.76 -9.54 1.83
CA PHE A 248 -19.03 -10.07 0.67
C PHE A 248 -19.48 -9.54 -0.68
N THR A 249 -20.62 -8.85 -0.68
CA THR A 249 -21.19 -8.34 -1.91
C THR A 249 -21.41 -6.82 -2.02
N ARG A 250 -21.68 -6.14 -0.89
CA ARG A 250 -21.92 -4.70 -0.95
C ARG A 250 -20.76 -3.99 -1.67
N LYS A 251 -19.56 -4.19 -1.16
CA LYS A 251 -18.35 -3.65 -1.76
C LYS A 251 -18.08 -2.14 -1.82
N ALA A 252 -17.53 -1.69 -2.93
CA ALA A 252 -17.10 -0.32 -3.16
C ALA A 252 -17.80 0.86 -2.50
N ARG A 253 -19.13 0.93 -2.57
CA ARG A 253 -19.81 2.07 -1.97
C ARG A 253 -20.44 1.76 -0.61
N SER A 254 -19.92 0.73 0.06
CA SER A 254 -20.47 0.36 1.37
C SER A 254 -20.55 1.49 2.37
N ARG A 255 -19.52 2.32 2.45
CA ARG A 255 -19.50 3.44 3.40
C ARG A 255 -20.59 4.46 3.08
N GLU A 256 -20.74 4.78 1.81
CA GLU A 256 -21.75 5.73 1.39
C GLU A 256 -23.14 5.18 1.67
N GLN A 257 -23.33 3.89 1.38
CA GLN A 257 -24.61 3.26 1.60
C GLN A 257 -24.99 3.12 3.07
N THR A 258 -24.10 2.55 3.87
CA THR A 258 -24.44 2.32 5.28
C THR A 258 -24.35 3.52 6.19
N PHE A 259 -23.29 4.32 6.06
CA PHE A 259 -23.19 5.51 6.90
C PHE A 259 -24.21 6.50 6.36
N GLY A 260 -24.32 6.55 5.03
CA GLY A 260 -25.27 7.45 4.38
C GLY A 260 -26.70 7.20 4.84
N ASN A 261 -27.09 5.93 4.95
CA ASN A 261 -28.44 5.56 5.40
C ASN A 261 -28.53 5.50 6.93
N ASN A 262 -27.46 5.92 7.59
CA ASN A 262 -27.39 5.94 9.04
C ASN A 262 -27.60 4.58 9.73
N ILE A 263 -27.01 3.53 9.18
CA ILE A 263 -27.12 2.21 9.80
C ILE A 263 -25.76 1.59 10.16
N GLY A 264 -24.68 2.12 9.60
CA GLY A 264 -23.35 1.59 9.89
C GLY A 264 -22.75 2.16 11.16
N GLY A 265 -22.18 1.28 12.00
CA GLY A 265 -21.62 1.75 13.25
C GLY A 265 -20.12 1.71 13.42
N MET A 266 -19.44 0.99 12.53
CA MET A 266 -18.00 0.85 12.64
C MET A 266 -17.39 0.30 11.35
N THR A 267 -16.10 0.58 11.14
CA THR A 267 -15.38 0.06 9.98
C THR A 267 -13.88 0.06 10.25
N HIS A 268 -13.11 -0.42 9.28
CA HIS A 268 -11.63 -0.44 9.35
C HIS A 268 -11.26 -0.04 7.93
N ASP A 269 -10.71 1.16 7.77
CA ASP A 269 -10.41 1.66 6.43
C ASP A 269 -9.38 2.79 6.51
N TRP A 270 -8.99 3.33 5.35
CA TRP A 270 -7.99 4.41 5.29
C TRP A 270 -8.42 5.66 6.05
N PHE A 271 -7.54 6.19 6.88
CA PHE A 271 -7.85 7.36 7.70
C PHE A 271 -8.41 8.57 6.95
N ALA A 272 -7.70 9.07 5.94
CA ALA A 272 -8.15 10.25 5.21
C ALA A 272 -9.53 10.20 4.54
N SER A 273 -9.79 9.19 3.73
CA SER A 273 -11.09 9.10 3.05
C SER A 273 -12.23 8.76 4.00
N THR A 274 -11.97 7.95 5.01
CA THR A 274 -13.01 7.58 5.97
C THR A 274 -13.43 8.75 6.85
N ALA A 275 -12.44 9.51 7.34
CA ALA A 275 -12.71 10.67 8.17
C ALA A 275 -13.53 11.74 7.43
N LEU A 276 -13.45 11.74 6.10
CA LEU A 276 -14.19 12.72 5.33
C LEU A 276 -15.70 12.50 5.30
N PHE A 277 -16.17 11.39 5.88
CA PHE A 277 -17.62 11.16 5.91
C PHE A 277 -18.24 12.11 6.93
N ASN A 278 -17.39 12.60 7.82
CA ASN A 278 -17.87 13.56 8.81
C ASN A 278 -18.25 14.84 8.05
N ASP A 279 -17.40 15.26 7.12
CA ASP A 279 -17.68 16.46 6.33
C ASP A 279 -19.00 16.29 5.59
N ALA A 280 -19.19 15.13 4.99
CA ALA A 280 -20.41 14.89 4.25
C ALA A 280 -21.66 14.71 5.11
N LEU A 281 -21.51 14.01 6.22
CA LEU A 281 -22.67 13.69 7.06
C LEU A 281 -22.93 14.47 8.34
N SER A 282 -21.99 15.31 8.75
CA SER A 282 -22.16 16.06 10.00
C SER A 282 -23.51 16.73 10.19
N LYS A 283 -24.09 17.28 9.11
CA LYS A 283 -25.38 17.97 9.21
C LYS A 283 -26.55 17.10 8.76
N ASN A 284 -26.35 16.38 7.66
CA ASN A 284 -27.35 15.50 7.06
C ASN A 284 -27.92 14.53 8.09
N ILE A 285 -27.05 13.99 8.93
CA ILE A 285 -27.44 13.09 10.01
C ILE A 285 -27.00 13.85 11.25
N PRO A 286 -27.96 14.50 11.93
CA PRO A 286 -27.64 15.27 13.13
C PRO A 286 -26.81 14.49 14.16
N GLY A 287 -25.69 15.10 14.58
CA GLY A 287 -24.84 14.47 15.56
C GLY A 287 -23.85 13.45 15.02
N PHE A 288 -23.91 13.12 13.74
CA PHE A 288 -23.00 12.12 13.17
C PHE A 288 -21.54 12.43 13.51
N LYS A 289 -20.82 11.47 14.07
CA LYS A 289 -19.40 11.62 14.43
C LYS A 289 -18.72 10.26 14.26
N LEU A 290 -17.98 10.08 13.17
CA LEU A 290 -17.29 8.80 12.95
C LEU A 290 -15.83 9.07 13.28
N VAL A 291 -15.32 8.43 14.30
CA VAL A 291 -13.95 8.70 14.72
C VAL A 291 -13.01 7.52 14.87
N PRO A 292 -11.70 7.79 14.77
CA PRO A 292 -10.67 6.75 14.89
C PRO A 292 -10.74 6.11 16.26
N MET A 293 -10.44 4.83 16.33
CA MET A 293 -10.47 4.13 17.61
C MET A 293 -9.22 3.25 17.72
N ALA A 294 -8.62 3.19 18.90
CA ALA A 294 -7.44 2.35 19.05
C ALA A 294 -7.89 0.91 18.91
N PRO A 295 -7.06 0.05 18.32
CA PRO A 295 -7.55 -1.32 18.23
C PRO A 295 -7.73 -1.90 19.63
N PRO A 296 -8.75 -2.73 19.82
CA PRO A 296 -8.98 -3.33 21.14
C PRO A 296 -7.91 -4.36 21.46
N ILE A 297 -7.73 -4.63 22.76
CA ILE A 297 -6.77 -5.64 23.18
C ILE A 297 -7.36 -6.97 22.73
N ASN A 298 -6.58 -7.77 22.02
CA ASN A 298 -7.08 -9.05 21.53
C ASN A 298 -6.95 -10.20 22.54
N SER A 299 -7.35 -11.40 22.13
CA SER A 299 -7.28 -12.55 23.04
C SER A 299 -5.89 -12.92 23.51
N LYS A 300 -4.85 -12.38 22.86
CA LYS A 300 -3.50 -12.69 23.28
C LYS A 300 -2.89 -11.50 24.01
N GLY A 301 -3.74 -10.55 24.39
CA GLY A 301 -3.30 -9.39 25.13
C GLY A 301 -2.61 -8.28 24.35
N GLN A 302 -2.83 -8.21 23.04
CA GLN A 302 -2.17 -7.18 22.24
C GLN A 302 -3.14 -6.35 21.40
N ARG A 303 -2.77 -5.10 21.15
CA ARG A 303 -3.59 -4.22 20.32
C ARG A 303 -2.91 -4.22 18.96
N TRP A 304 -3.58 -4.80 17.97
CA TRP A 304 -3.02 -4.89 16.63
C TRP A 304 -3.62 -4.07 15.51
N GLU A 305 -2.74 -3.49 14.69
CA GLU A 305 -3.16 -2.81 13.49
C GLU A 305 -2.29 -3.54 12.50
N GLU A 306 -2.89 -4.51 11.83
CA GLU A 306 -2.18 -5.35 10.87
C GLU A 306 -1.81 -4.66 9.57
N ASP A 307 -2.60 -3.69 9.13
CA ASP A 307 -2.32 -3.03 7.86
C ASP A 307 -1.35 -1.85 7.91
N ALA A 308 -0.63 -1.64 6.80
CA ALA A 308 0.30 -0.53 6.68
C ALA A 308 0.61 -0.33 5.18
N ARG A 309 1.22 0.79 4.83
CA ARG A 309 1.55 1.02 3.42
C ARG A 309 2.70 0.12 3.01
N GLN A 310 2.70 -0.30 1.74
CA GLN A 310 3.78 -1.14 1.24
C GLN A 310 4.99 -0.25 1.03
N ILE A 311 6.04 -0.49 1.83
CA ILE A 311 7.27 0.30 1.74
C ILE A 311 8.49 -0.63 1.64
N PRO A 312 9.20 -0.58 0.50
CA PRO A 312 8.93 0.28 -0.67
C PRO A 312 7.89 -0.34 -1.60
N ARG A 313 7.49 0.41 -2.61
CA ARG A 313 6.53 -0.07 -3.60
C ARG A 313 7.33 -0.82 -4.66
N PRO A 314 6.67 -1.74 -5.38
CA PRO A 314 7.32 -2.52 -6.44
C PRO A 314 7.33 -1.70 -7.73
N ASP A 315 7.61 -0.42 -7.58
CA ASP A 315 7.66 0.55 -8.68
C ASP A 315 9.00 1.27 -8.67
N GLY A 316 9.36 1.89 -9.80
CA GLY A 316 10.61 2.63 -9.86
C GLY A 316 11.17 2.70 -11.28
N TRP A 317 12.46 2.97 -11.37
CA TRP A 317 13.08 3.02 -12.68
C TRP A 317 14.46 2.37 -12.66
N ALA A 318 14.92 1.97 -13.85
CA ALA A 318 16.18 1.28 -13.99
C ALA A 318 16.96 1.77 -15.20
N ILE A 319 18.27 1.49 -15.22
CA ILE A 319 19.16 1.88 -16.30
C ILE A 319 19.38 0.70 -17.23
N THR A 320 19.06 0.87 -18.52
CA THR A 320 19.24 -0.21 -19.50
C THR A 320 20.70 -0.43 -19.91
N ALA A 321 20.97 -1.60 -20.48
CA ALA A 321 22.29 -1.94 -20.95
C ALA A 321 22.70 -1.04 -22.12
N THR A 322 21.72 -0.49 -22.82
CA THR A 322 22.01 0.38 -23.96
C THR A 322 22.39 1.82 -23.61
N ASN A 323 22.11 2.23 -22.38
CA ASN A 323 22.43 3.57 -21.89
C ASN A 323 23.95 3.76 -21.97
N LYS A 324 24.40 4.73 -22.77
CA LYS A 324 25.83 5.01 -22.93
C LYS A 324 26.41 5.92 -21.85
N ASN A 325 25.55 6.42 -20.97
CA ASN A 325 25.98 7.32 -19.89
C ASN A 325 25.48 6.86 -18.52
N PRO A 326 25.88 5.66 -18.08
CA PRO A 326 25.47 5.11 -16.79
C PRO A 326 25.87 5.98 -15.60
N VAL A 327 27.07 6.54 -15.63
CA VAL A 327 27.50 7.40 -14.53
C VAL A 327 26.69 8.69 -14.41
N GLU A 328 26.48 9.38 -15.52
CA GLU A 328 25.68 10.61 -15.47
C GLU A 328 24.25 10.25 -15.03
N THR A 329 23.77 9.10 -15.50
CA THR A 329 22.42 8.68 -15.14
C THR A 329 22.26 8.40 -13.64
N ILE A 330 23.17 7.64 -13.05
CA ILE A 330 23.04 7.35 -11.63
C ILE A 330 23.10 8.65 -10.81
N LYS A 331 23.87 9.63 -11.26
CA LYS A 331 23.96 10.91 -10.54
C LYS A 331 22.63 11.66 -10.65
N LEU A 332 21.93 11.47 -11.77
CA LEU A 332 20.61 12.08 -11.95
C LEU A 332 19.69 11.40 -10.93
N PHE A 333 19.72 10.07 -10.90
CA PHE A 333 18.89 9.32 -9.97
C PHE A 333 19.15 9.81 -8.55
N ASP A 334 20.42 10.03 -8.24
CA ASP A 334 20.82 10.47 -6.90
C ASP A 334 20.23 11.82 -6.52
N PHE A 335 20.06 12.68 -7.50
CA PHE A 335 19.53 14.01 -7.26
C PHE A 335 18.18 13.96 -6.54
N TYR A 336 17.35 12.98 -6.90
CA TYR A 336 16.04 12.81 -6.27
C TYR A 336 16.08 12.45 -4.79
N PHE A 337 17.22 12.00 -4.29
CA PHE A 337 17.29 11.63 -2.87
C PHE A 337 17.96 12.69 -2.01
N GLY A 338 18.33 13.80 -2.64
CA GLY A 338 18.92 14.91 -1.94
C GLY A 338 17.76 15.86 -1.61
N PRO A 339 17.97 16.84 -0.74
CA PRO A 339 16.89 17.76 -0.39
C PRO A 339 16.09 18.43 -1.52
N LYS A 340 16.76 19.13 -2.44
CA LYS A 340 16.03 19.81 -3.51
C LYS A 340 15.26 18.83 -4.40
N GLY A 341 15.94 17.79 -4.86
CA GLY A 341 15.29 16.81 -5.70
C GLY A 341 14.08 16.22 -4.99
N ARG A 342 14.21 15.92 -3.70
CA ARG A 342 13.10 15.34 -2.98
C ARG A 342 11.94 16.32 -2.90
N GLU A 343 12.25 17.59 -2.66
CA GLU A 343 11.21 18.61 -2.57
C GLU A 343 10.41 18.71 -3.87
N LEU A 344 11.13 18.87 -4.98
CA LEU A 344 10.52 19.00 -6.30
C LEU A 344 9.66 17.79 -6.66
N SER A 345 10.20 16.59 -6.48
CA SER A 345 9.45 15.39 -6.84
C SER A 345 8.23 15.14 -5.96
N ASN A 346 8.15 15.83 -4.82
CA ASN A 346 7.01 15.68 -3.92
C ASN A 346 5.98 16.81 -4.06
N PHE A 347 6.47 18.04 -4.16
CA PHE A 347 5.60 19.21 -4.21
C PHE A 347 5.34 19.91 -5.54
N GLY A 348 6.21 19.68 -6.53
CA GLY A 348 6.03 20.33 -7.82
C GLY A 348 7.14 21.36 -8.08
N VAL A 349 6.74 22.58 -8.44
CA VAL A 349 7.69 23.65 -8.72
C VAL A 349 7.30 24.92 -7.96
N PRO A 350 8.29 25.61 -7.35
CA PRO A 350 7.96 26.84 -6.62
C PRO A 350 7.34 27.88 -7.52
N GLY A 351 6.33 28.56 -7.00
CA GLY A 351 5.66 29.58 -7.80
C GLY A 351 4.51 29.01 -8.62
N LEU A 352 4.47 27.69 -8.80
CA LEU A 352 3.37 27.09 -9.55
C LEU A 352 2.46 26.31 -8.61
N THR A 353 3.05 25.43 -7.80
CA THR A 353 2.27 24.62 -6.88
C THR A 353 2.55 24.85 -5.42
N TYR A 354 3.70 25.44 -5.11
CA TYR A 354 4.05 25.70 -3.70
C TYR A 354 5.06 26.84 -3.55
N ASP A 355 5.29 27.25 -2.31
CA ASP A 355 6.25 28.30 -2.03
C ASP A 355 7.07 27.81 -0.83
N ILE A 356 8.34 28.22 -0.76
CA ILE A 356 9.14 27.82 0.39
C ILE A 356 8.90 28.89 1.48
N LYS A 357 8.25 28.49 2.56
CA LYS A 357 7.96 29.39 3.67
C LYS A 357 8.77 28.98 4.90
N ASN A 358 9.66 29.87 5.36
CA ASN A 358 10.53 29.59 6.50
C ASN A 358 11.28 28.26 6.30
N GLY A 359 11.84 28.10 5.11
CA GLY A 359 12.60 26.90 4.79
C GLY A 359 11.81 25.63 4.53
N LYS A 360 10.48 25.71 4.58
CA LYS A 360 9.65 24.51 4.35
C LYS A 360 8.63 24.64 3.20
N PRO A 361 8.42 23.56 2.44
CA PRO A 361 7.46 23.57 1.32
C PRO A 361 6.02 23.61 1.76
N VAL A 362 5.29 24.61 1.27
CA VAL A 362 3.89 24.80 1.61
C VAL A 362 3.07 24.93 0.33
N TYR A 363 2.07 24.09 0.16
CA TYR A 363 1.24 24.15 -1.04
C TYR A 363 0.48 25.47 -1.15
N LYS A 364 0.34 25.98 -2.38
CA LYS A 364 -0.41 27.19 -2.61
C LYS A 364 -1.89 26.92 -2.29
N ASP A 365 -2.61 27.95 -1.87
CA ASP A 365 -4.01 27.78 -1.52
C ASP A 365 -4.88 27.28 -2.67
N THR A 366 -4.59 27.71 -3.89
CA THR A 366 -5.37 27.28 -5.03
C THR A 366 -5.18 25.79 -5.26
N VAL A 367 -4.03 25.27 -4.84
CA VAL A 367 -3.76 23.85 -4.97
C VAL A 367 -4.62 23.10 -3.95
N LEU A 368 -4.57 23.54 -2.70
CA LEU A 368 -5.33 22.88 -1.66
C LEU A 368 -6.84 23.01 -1.83
N LYS A 369 -7.28 24.11 -2.42
CA LYS A 369 -8.71 24.35 -2.64
C LYS A 369 -9.26 23.90 -4.00
N ALA A 370 -8.42 23.35 -4.87
CA ALA A 370 -8.90 22.91 -6.18
C ALA A 370 -9.81 21.68 -6.04
N ALA A 371 -10.66 21.45 -7.03
CA ALA A 371 -11.56 20.30 -7.01
C ALA A 371 -10.75 19.03 -7.25
N GLN A 372 -9.77 19.13 -8.14
CA GLN A 372 -8.92 18.00 -8.45
C GLN A 372 -8.05 17.66 -7.25
N PRO A 373 -7.96 16.37 -6.88
CA PRO A 373 -7.14 15.95 -5.74
C PRO A 373 -5.69 16.38 -5.90
N VAL A 374 -5.02 16.67 -4.79
CA VAL A 374 -3.63 17.08 -4.85
C VAL A 374 -2.77 16.06 -5.58
N ASN A 375 -3.04 14.77 -5.35
CA ASN A 375 -2.27 13.72 -5.99
C ASN A 375 -2.30 13.86 -7.50
N ASN A 376 -3.48 14.11 -8.05
CA ASN A 376 -3.63 14.24 -9.49
C ASN A 376 -3.03 15.55 -10.01
N GLN A 377 -3.09 16.61 -9.23
CA GLN A 377 -2.47 17.88 -9.64
C GLN A 377 -0.96 17.64 -9.74
N MET A 378 -0.42 16.81 -8.86
CA MET A 378 1.02 16.51 -8.87
C MET A 378 1.38 15.67 -10.09
N TYR A 379 0.58 14.63 -10.37
CA TYR A 379 0.88 13.80 -11.55
C TYR A 379 0.88 14.68 -12.78
N ASP A 380 -0.08 15.61 -12.84
CA ASP A 380 -0.22 16.52 -13.97
C ASP A 380 1.05 17.32 -14.28
N ILE A 381 1.87 17.59 -13.27
CA ILE A 381 3.11 18.35 -13.52
C ILE A 381 4.41 17.58 -13.29
N GLY A 382 4.32 16.26 -13.17
CA GLY A 382 5.53 15.48 -12.98
C GLY A 382 5.95 15.12 -11.57
N ALA A 383 5.08 15.36 -10.59
CA ALA A 383 5.38 15.04 -9.19
C ALA A 383 4.55 13.83 -8.71
N GLN A 384 5.00 13.21 -7.62
CA GLN A 384 4.34 12.03 -7.05
C GLN A 384 4.25 10.90 -8.08
N ILE A 385 5.18 10.85 -9.02
CA ILE A 385 5.14 9.79 -10.03
C ILE A 385 6.02 8.62 -9.58
N PRO A 386 5.67 7.40 -10.01
CA PRO A 386 6.37 6.16 -9.66
C PRO A 386 7.79 5.91 -10.16
N ILE A 387 8.64 6.93 -10.11
CA ILE A 387 10.04 6.76 -10.49
C ILE A 387 10.75 6.41 -9.19
N GLY A 388 12.08 6.45 -9.20
CA GLY A 388 12.81 6.18 -7.98
C GLY A 388 12.79 7.48 -7.18
N PHE A 389 11.92 7.57 -6.19
CA PHE A 389 11.89 8.77 -5.40
C PHE A 389 11.50 8.49 -3.96
N TRP A 390 11.83 9.45 -3.11
CA TRP A 390 11.61 9.34 -1.68
C TRP A 390 10.48 10.28 -1.27
N GLN A 391 9.30 9.71 -1.10
CA GLN A 391 8.12 10.48 -0.74
C GLN A 391 8.30 11.13 0.63
N ASP A 392 7.66 12.28 0.79
CA ASP A 392 7.71 13.08 2.02
C ASP A 392 6.29 13.18 2.57
N TYR A 393 6.01 12.56 3.71
CA TYR A 393 4.67 12.59 4.28
C TYR A 393 4.12 14.00 4.47
N GLU A 394 5.00 14.99 4.62
CA GLU A 394 4.52 16.36 4.79
C GLU A 394 3.58 16.84 3.68
N TYR A 395 3.79 16.36 2.47
CA TYR A 395 2.93 16.78 1.36
C TYR A 395 1.50 16.26 1.57
N GLU A 396 1.38 15.07 2.14
CA GLU A 396 0.06 14.47 2.38
C GLU A 396 -0.61 15.08 3.62
N ARG A 397 0.19 15.40 4.63
CA ARG A 397 -0.33 16.00 5.85
C ARG A 397 -1.04 17.30 5.48
N GLN A 398 -0.54 18.01 4.48
CA GLN A 398 -1.19 19.27 4.11
C GLN A 398 -2.59 19.15 3.50
N TRP A 399 -3.01 17.96 3.10
CA TRP A 399 -4.37 17.78 2.55
C TRP A 399 -5.17 16.65 3.23
N THR A 400 -4.82 16.32 4.47
CA THR A 400 -5.53 15.31 5.24
C THR A 400 -6.25 16.09 6.34
N ASN A 401 -7.53 15.83 6.56
CA ASN A 401 -8.23 16.62 7.59
C ASN A 401 -7.83 16.31 9.03
N ASP A 402 -8.20 17.19 9.95
CA ASP A 402 -7.82 17.03 11.34
C ASP A 402 -8.25 15.75 12.05
N VAL A 403 -9.47 15.27 11.78
CA VAL A 403 -9.92 14.04 12.44
C VAL A 403 -8.98 12.90 12.07
N ALA A 404 -8.63 12.83 10.79
CA ALA A 404 -7.73 11.79 10.30
C ALA A 404 -6.36 11.93 10.95
N LEU A 405 -5.78 13.13 10.92
CA LEU A 405 -4.46 13.31 11.52
C LEU A 405 -4.45 12.98 13.01
N GLN A 406 -5.52 13.30 13.71
CA GLN A 406 -5.61 13.01 15.14
C GLN A 406 -5.50 11.50 15.35
N GLY A 407 -6.17 10.74 14.50
CA GLY A 407 -6.13 9.31 14.61
C GLY A 407 -4.79 8.74 14.15
N ILE A 408 -4.27 9.27 13.04
CA ILE A 408 -3.00 8.81 12.51
C ILE A 408 -1.90 9.02 13.55
N ASP A 409 -1.86 10.21 14.11
CA ASP A 409 -0.84 10.51 15.10
C ASP A 409 -1.00 9.60 16.33
N MET A 410 -2.22 9.22 16.67
CA MET A 410 -2.44 8.33 17.81
C MET A 410 -1.87 6.94 17.53
N TYR A 411 -2.09 6.45 16.31
CA TYR A 411 -1.58 5.12 15.92
C TYR A 411 -0.06 5.12 15.85
N ILE A 412 0.54 6.21 15.38
CA ILE A 412 2.00 6.30 15.31
C ILE A 412 2.55 6.28 16.72
N LYS A 413 2.05 7.18 17.55
CA LYS A 413 2.45 7.33 18.94
C LYS A 413 2.33 6.07 19.80
N ASN A 414 1.25 5.32 19.64
CA ASN A 414 1.06 4.12 20.46
C ASN A 414 1.64 2.84 19.86
N LYS A 415 2.21 2.96 18.67
CA LYS A 415 2.85 1.83 17.98
C LYS A 415 2.00 0.59 17.72
N TYR A 416 0.76 0.80 17.28
CA TYR A 416 -0.11 -0.34 16.99
C TYR A 416 0.23 -1.09 15.70
N VAL A 417 0.80 -0.40 14.72
CA VAL A 417 1.11 -1.05 13.45
C VAL A 417 2.17 -2.14 13.58
N LEU A 418 1.82 -3.33 13.11
CA LEU A 418 2.74 -4.48 13.16
C LEU A 418 3.81 -4.45 12.06
N PRO A 419 4.96 -5.11 12.31
CA PRO A 419 6.07 -5.18 11.33
C PRO A 419 5.47 -5.81 10.06
N GLN A 420 5.76 -5.22 8.90
CA GLN A 420 5.23 -5.70 7.63
C GLN A 420 6.16 -6.65 6.88
N PHE A 421 5.58 -7.47 6.01
CA PHE A 421 6.35 -8.38 5.18
C PHE A 421 6.54 -7.61 3.87
N THR A 422 7.79 -7.32 3.50
CA THR A 422 8.05 -6.55 2.29
C THR A 422 8.24 -7.41 1.05
N GLY A 423 8.02 -8.72 1.20
CA GLY A 423 8.12 -9.63 0.08
C GLY A 423 9.49 -10.21 -0.23
N VAL A 424 9.48 -11.20 -1.11
CA VAL A 424 10.72 -11.85 -1.54
C VAL A 424 10.82 -11.81 -3.05
N ASN A 425 12.04 -11.70 -3.57
CA ASN A 425 12.27 -11.70 -5.02
C ASN A 425 12.72 -13.12 -5.39
N LEU A 426 11.97 -13.75 -6.29
CA LEU A 426 12.24 -15.14 -6.70
C LEU A 426 13.12 -15.35 -7.93
N THR A 427 13.65 -16.56 -8.06
CA THR A 427 14.47 -16.93 -9.21
C THR A 427 13.45 -17.37 -10.25
N VAL A 428 13.89 -17.54 -11.50
CA VAL A 428 12.97 -17.96 -12.55
C VAL A 428 12.27 -19.28 -12.19
N GLU A 429 13.04 -20.23 -11.69
CA GLU A 429 12.53 -21.56 -11.35
C GLU A 429 11.54 -21.53 -10.18
N GLU A 430 11.81 -20.68 -9.19
CA GLU A 430 10.93 -20.54 -8.04
C GLU A 430 9.64 -19.87 -8.48
N ARG A 431 9.78 -18.90 -9.38
CA ARG A 431 8.65 -18.16 -9.91
C ARG A 431 7.70 -19.08 -10.68
N GLU A 432 8.26 -20.01 -11.44
CA GLU A 432 7.44 -20.91 -12.22
C GLU A 432 6.47 -21.71 -11.34
N ILE A 433 6.97 -22.19 -10.20
CA ILE A 433 6.16 -22.95 -9.24
C ILE A 433 5.10 -22.05 -8.61
N TYR A 434 5.54 -20.88 -8.18
CA TYR A 434 4.65 -19.89 -7.57
C TYR A 434 3.51 -19.56 -8.52
N ASP A 435 3.83 -19.20 -9.76
CA ASP A 435 2.79 -18.85 -10.73
C ASP A 435 1.85 -19.98 -11.12
N LYS A 436 2.34 -21.22 -11.04
CA LYS A 436 1.53 -22.38 -11.40
C LYS A 436 0.48 -22.76 -10.36
N TYR A 437 0.82 -22.63 -9.08
CA TYR A 437 -0.08 -23.02 -8.00
C TYR A 437 -0.72 -21.94 -7.12
N TRP A 438 0.04 -20.88 -6.83
CA TRP A 438 -0.46 -19.86 -5.91
C TRP A 438 -1.78 -19.18 -6.24
N PRO A 439 -1.95 -18.74 -7.49
CA PRO A 439 -3.20 -18.07 -7.90
C PRO A 439 -4.44 -18.88 -7.53
N ASP A 440 -4.43 -20.17 -7.87
CA ASP A 440 -5.54 -21.08 -7.57
C ASP A 440 -5.70 -21.36 -6.08
N VAL A 441 -4.59 -21.49 -5.37
CA VAL A 441 -4.67 -21.74 -3.95
C VAL A 441 -5.34 -20.54 -3.27
N LYS A 442 -4.90 -19.34 -3.64
CA LYS A 442 -5.43 -18.09 -3.08
C LYS A 442 -6.94 -18.01 -3.31
N THR A 443 -7.35 -18.34 -4.54
CA THR A 443 -8.77 -18.33 -4.90
C THR A 443 -9.55 -19.29 -4.00
N TYR A 444 -8.99 -20.50 -3.85
CA TYR A 444 -9.63 -21.52 -3.04
C TYR A 444 -9.76 -21.10 -1.57
N MET A 445 -8.71 -20.50 -1.02
CA MET A 445 -8.70 -20.05 0.37
C MET A 445 -9.81 -19.04 0.62
N PHE A 446 -9.97 -18.12 -0.32
CA PHE A 446 -11.01 -17.09 -0.21
C PHE A 446 -12.40 -17.73 -0.19
N GLU A 447 -12.63 -18.67 -1.10
CA GLU A 447 -13.92 -19.35 -1.18
C GLU A 447 -14.20 -20.08 0.14
N MET A 448 -13.15 -20.70 0.70
CA MET A 448 -13.32 -21.42 1.95
C MET A 448 -13.57 -20.43 3.08
N GLY A 449 -12.80 -19.34 3.10
CA GLY A 449 -12.99 -18.33 4.12
C GLY A 449 -14.43 -17.85 4.12
N GLN A 450 -14.94 -17.51 2.93
CA GLN A 450 -16.32 -17.01 2.83
C GLN A 450 -17.33 -18.04 3.33
N SER A 451 -17.12 -19.30 2.96
CA SER A 451 -18.04 -20.36 3.37
C SER A 451 -18.08 -20.48 4.89
N TRP A 452 -16.91 -20.42 5.53
CA TRP A 452 -16.84 -20.52 6.97
C TRP A 452 -17.52 -19.34 7.65
N VAL A 453 -17.26 -18.13 7.15
CA VAL A 453 -17.85 -16.92 7.74
C VAL A 453 -19.39 -16.93 7.64
N MET A 454 -19.91 -17.26 6.46
CA MET A 454 -21.34 -17.26 6.24
C MET A 454 -22.04 -18.48 6.83
N GLY A 455 -21.28 -19.39 7.42
CA GLY A 455 -21.87 -20.58 8.02
C GLY A 455 -22.32 -21.62 7.02
N THR A 456 -21.81 -21.49 5.79
CA THR A 456 -22.15 -22.41 4.71
C THR A 456 -21.40 -23.72 4.90
N LYS A 457 -20.22 -23.64 5.51
CA LYS A 457 -19.41 -24.81 5.81
C LYS A 457 -18.91 -24.61 7.22
N ASP A 458 -18.64 -25.71 7.90
CA ASP A 458 -18.17 -25.64 9.28
C ASP A 458 -16.64 -25.81 9.36
N PRO A 459 -15.95 -24.80 9.90
CA PRO A 459 -14.50 -24.85 10.02
C PRO A 459 -13.98 -26.10 10.75
N GLU A 460 -14.65 -26.50 11.84
CA GLU A 460 -14.22 -27.68 12.58
C GLU A 460 -14.31 -28.98 11.79
N LYS A 461 -15.45 -29.15 11.13
CA LYS A 461 -15.72 -30.35 10.35
C LYS A 461 -15.01 -30.42 8.99
N THR A 462 -14.65 -29.28 8.43
CA THR A 462 -14.00 -29.28 7.11
C THR A 462 -12.52 -28.93 7.10
N TRP A 463 -11.93 -28.64 8.26
CA TRP A 463 -10.52 -28.26 8.30
C TRP A 463 -9.56 -29.29 7.71
N ASN A 464 -9.76 -30.56 8.04
CA ASN A 464 -8.87 -31.57 7.50
C ASN A 464 -8.99 -31.70 5.99
N ASP A 465 -10.22 -31.70 5.46
CA ASP A 465 -10.39 -31.78 4.01
C ASP A 465 -9.80 -30.55 3.33
N TYR A 466 -9.88 -29.41 4.03
CA TYR A 466 -9.32 -28.15 3.54
C TYR A 466 -7.80 -28.29 3.42
N GLN A 467 -7.17 -28.78 4.47
CA GLN A 467 -5.73 -28.99 4.43
C GLN A 467 -5.37 -30.01 3.34
N GLN A 468 -6.25 -30.99 3.09
CA GLN A 468 -5.95 -31.97 2.04
C GLN A 468 -5.95 -31.26 0.69
N GLN A 469 -6.91 -30.37 0.47
CA GLN A 469 -6.98 -29.63 -0.79
C GLN A 469 -5.75 -28.73 -0.93
N LEU A 470 -5.31 -28.15 0.18
CA LEU A 470 -4.12 -27.30 0.18
C LEU A 470 -2.92 -28.10 -0.35
N LYS A 471 -2.73 -29.30 0.19
CA LYS A 471 -1.62 -30.15 -0.26
C LYS A 471 -1.81 -30.46 -1.75
N ASN A 472 -2.99 -30.97 -2.09
CA ASN A 472 -3.31 -31.32 -3.46
C ASN A 472 -3.18 -30.17 -4.46
N ARG A 473 -3.48 -28.94 -4.04
CA ARG A 473 -3.39 -27.78 -4.94
C ARG A 473 -2.02 -27.12 -4.95
N GLY A 474 -1.03 -27.77 -4.35
CA GLY A 474 0.31 -27.23 -4.34
C GLY A 474 0.73 -26.20 -3.30
N PHE A 475 -0.09 -25.98 -2.28
CA PHE A 475 0.24 -25.00 -1.26
C PHE A 475 1.61 -25.19 -0.61
N TYR A 476 1.90 -26.41 -0.16
CA TYR A 476 3.18 -26.65 0.48
C TYR A 476 4.39 -26.55 -0.44
N GLN A 477 4.21 -26.74 -1.76
CA GLN A 477 5.32 -26.58 -2.68
C GLN A 477 5.65 -25.10 -2.75
N VAL A 478 4.61 -24.26 -2.78
CA VAL A 478 4.82 -22.81 -2.81
C VAL A 478 5.52 -22.39 -1.52
N MET A 479 5.09 -22.97 -0.41
CA MET A 479 5.67 -22.67 0.89
C MET A 479 7.14 -23.02 0.95
N ILE A 480 7.52 -24.08 0.26
CA ILE A 480 8.93 -24.48 0.22
C ILE A 480 9.70 -23.38 -0.51
N VAL A 481 9.15 -22.93 -1.64
CA VAL A 481 9.77 -21.89 -2.44
C VAL A 481 9.98 -20.60 -1.65
N MET A 482 8.91 -20.12 -1.02
CA MET A 482 8.97 -18.89 -0.23
C MET A 482 10.05 -18.90 0.86
N GLN A 483 10.17 -20.01 1.58
CA GLN A 483 11.16 -20.08 2.65
C GLN A 483 12.60 -20.03 2.13
N LYS A 484 12.86 -20.70 1.01
CA LYS A 484 14.19 -20.68 0.43
C LYS A 484 14.51 -19.25 0.04
N ALA A 485 13.56 -18.61 -0.62
CA ALA A 485 13.72 -17.23 -1.06
C ALA A 485 13.89 -16.28 0.12
N TYR A 486 13.14 -16.51 1.19
CA TYR A 486 13.24 -15.64 2.36
C TYR A 486 14.62 -15.77 3.00
N ASP A 487 15.10 -17.00 3.19
CA ASP A 487 16.42 -17.21 3.77
C ASP A 487 17.50 -16.50 2.97
N ARG A 488 17.45 -16.65 1.65
CA ARG A 488 18.44 -16.03 0.79
C ARG A 488 18.41 -14.52 0.88
N GLN A 489 17.21 -13.93 0.84
CA GLN A 489 17.09 -12.48 0.84
C GLN A 489 17.20 -11.79 2.18
N TYR A 490 16.73 -12.43 3.24
CA TYR A 490 16.77 -11.81 4.56
C TYR A 490 17.71 -12.53 5.54
CA CA B . -32.79 1.88 14.51
#